data_3CRB
#
_entry.id   3CRB
#
_cell.length_a   63.370
_cell.length_b   50.370
_cell.length_c   65.840
_cell.angle_alpha   90.00
_cell.angle_beta   107.81
_cell.angle_gamma   90.00
#
_symmetry.space_group_name_H-M   'P 1 21 1'
#
loop_
_entity.id
_entity.type
_entity.pdbx_description
1 polymer Lactotransferrin
2 branched 2-acetamido-2-deoxy-beta-D-glucopyranose-(1-4)-2-acetamido-2-deoxy-beta-D-glucopyranose
3 non-polymer 'FE (III) ION'
4 non-polymer 'CARBONATE ION'
5 non-polymer 'ZINC ION'
6 non-polymer 'SULFATE ION'
7 non-polymer COUMARIN
8 water water
#
_entity_poly.entity_id   1
_entity_poly.type   'polypeptide(L)'
_entity_poly.pdbx_seq_one_letter_code
;YTRVVWCAVGPEEQKKCQQWSQQSGQNVTCATASTTDDCIVLVLKGEADALNLDGGYIYTAGKCGLVPVLAENRKSSKHS
SLDCVLRPTEGYLAVAVVKKANEGLTWNSLKDKKSCHTAVDRTAGWNIPMGLIVNQTGSCAFDEFFSQSCAPGADPKSRL
CALCAGDDQGLDKCVPNSKEKYYGYTGAFRCLAEDVGDVAFVKNDTVWENTNGESTADWAKNLKREDFRLLCLDGTRKPV
TEAQSCHLAVAPNHAVVSRSDRAAHVEQVLLHQQALFGKNGKNCPDKFCLFKSETKNLLFNDNTECLAKLGGRPTYEEYL
GTEYVTAIANLKKCSTSPLLEACAF
;
_entity_poly.pdbx_strand_id   A
#
# COMPACT_ATOMS: atom_id res chain seq x y z
N TYR A 1 -27.07 11.37 -4.40
CA TYR A 1 -27.42 10.65 -5.65
C TYR A 1 -26.17 10.49 -6.54
N THR A 2 -25.81 11.50 -7.34
CA THR A 2 -24.57 11.39 -8.13
C THR A 2 -23.45 11.87 -7.21
N ARG A 3 -23.71 11.69 -5.92
CA ARG A 3 -22.82 12.06 -4.82
C ARG A 3 -22.14 10.79 -4.31
N VAL A 4 -20.82 10.84 -4.13
CA VAL A 4 -20.08 9.68 -3.64
C VAL A 4 -19.52 9.91 -2.25
N VAL A 5 -19.60 8.88 -1.41
CA VAL A 5 -19.09 8.92 -0.05
C VAL A 5 -17.81 8.07 -0.04
N TRP A 6 -16.68 8.74 0.17
CA TRP A 6 -15.38 8.08 0.21
C TRP A 6 -15.06 7.63 1.62
N CYS A 7 -14.38 6.50 1.78
CA CYS A 7 -14.05 6.08 3.12
C CYS A 7 -12.58 6.38 3.39
N ALA A 8 -12.32 7.20 4.40
CA ALA A 8 -10.96 7.54 4.76
C ALA A 8 -10.53 6.72 5.97
N VAL A 9 -9.27 6.30 5.98
CA VAL A 9 -8.74 5.50 7.07
C VAL A 9 -7.89 6.37 8.00
N GLY A 10 -8.44 6.70 9.18
CA GLY A 10 -7.70 7.50 10.12
C GLY A 10 -7.86 9.01 9.94
N PRO A 11 -7.43 9.81 10.94
CA PRO A 11 -7.49 11.29 11.01
C PRO A 11 -6.85 12.12 9.91
N GLU A 12 -5.73 11.67 9.36
CA GLU A 12 -5.06 12.45 8.32
C GLU A 12 -5.73 12.32 6.97
N GLU A 13 -6.28 11.16 6.66
CA GLU A 13 -6.95 10.98 5.38
C GLU A 13 -8.30 11.67 5.48
N GLN A 14 -8.85 11.71 6.69
CA GLN A 14 -10.12 12.37 6.92
C GLN A 14 -9.93 13.84 6.56
N LYS A 15 -8.85 14.45 7.05
CA LYS A 15 -8.59 15.85 6.76
C LYS A 15 -8.40 16.07 5.25
N LYS A 16 -7.69 15.18 4.56
CA LYS A 16 -7.51 15.36 3.13
C LYS A 16 -8.85 15.14 2.39
N CYS A 17 -9.66 14.22 2.88
CA CYS A 17 -10.95 13.94 2.25
C CYS A 17 -11.90 15.13 2.39
N GLN A 18 -11.91 15.75 3.56
CA GLN A 18 -12.76 16.91 3.83
C GLN A 18 -12.44 18.06 2.88
N GLN A 19 -11.14 18.25 2.62
CA GLN A 19 -10.65 19.28 1.71
C GLN A 19 -11.18 18.97 0.30
N TRP A 20 -11.09 17.69 -0.08
CA TRP A 20 -11.55 17.19 -1.37
C TRP A 20 -13.06 17.42 -1.44
N SER A 21 -13.77 17.00 -0.40
CA SER A 21 -15.23 17.16 -0.32
C SER A 21 -15.59 18.63 -0.60
N GLN A 22 -14.90 19.52 0.10
CA GLN A 22 -15.11 20.97 -0.04
C GLN A 22 -14.94 21.44 -1.50
N GLN A 23 -13.78 21.18 -2.10
CA GLN A 23 -13.54 21.62 -3.48
C GLN A 23 -14.47 20.97 -4.49
N SER A 24 -14.99 19.78 -4.17
CA SER A 24 -15.89 19.06 -5.07
C SER A 24 -17.33 19.57 -5.04
N GLY A 25 -17.63 20.46 -4.09
CA GLY A 25 -18.97 21.01 -3.97
C GLY A 25 -19.92 19.94 -3.46
N GLN A 26 -19.40 19.10 -2.57
CA GLN A 26 -20.17 18.01 -1.98
C GLN A 26 -20.51 16.93 -3.01
N ASN A 27 -19.80 16.90 -4.14
CA ASN A 27 -20.04 15.85 -5.13
C ASN A 27 -19.42 14.59 -4.48
N VAL A 28 -18.46 14.79 -3.58
CA VAL A 28 -17.87 13.67 -2.82
C VAL A 28 -17.92 14.09 -1.36
N THR A 29 -18.28 13.16 -0.48
CA THR A 29 -18.28 13.41 0.96
C THR A 29 -17.48 12.30 1.62
N CYS A 30 -17.31 12.42 2.93
CA CYS A 30 -16.47 11.49 3.68
C CYS A 30 -17.02 10.72 4.85
N ALA A 31 -16.59 9.46 4.94
CA ALA A 31 -16.91 8.61 6.07
C ALA A 31 -15.49 8.33 6.57
N THR A 32 -15.34 8.09 7.87
CA THR A 32 -14.03 7.82 8.46
C THR A 32 -14.07 6.58 9.35
N ALA A 33 -12.97 5.83 9.38
CA ALA A 33 -12.84 4.62 10.20
C ALA A 33 -11.37 4.50 10.62
N SER A 34 -11.09 3.72 11.68
CA SER A 34 -9.72 3.54 12.16
C SER A 34 -8.91 2.49 11.41
N THR A 35 -9.56 1.64 10.63
CA THR A 35 -8.83 0.64 9.89
C THR A 35 -9.49 0.41 8.53
N THR A 36 -8.71 -0.17 7.60
CA THR A 36 -9.18 -0.45 6.26
C THR A 36 -10.32 -1.46 6.32
N ASP A 37 -10.17 -2.47 7.18
CA ASP A 37 -11.20 -3.49 7.39
C ASP A 37 -12.55 -2.83 7.76
N ASP A 38 -12.47 -1.86 8.67
CA ASP A 38 -13.67 -1.15 9.10
C ASP A 38 -14.30 -0.41 7.95
N CYS A 39 -13.46 0.18 7.12
CA CYS A 39 -13.92 0.91 5.95
C CYS A 39 -14.54 -0.07 4.95
N ILE A 40 -14.01 -1.28 4.88
CA ILE A 40 -14.57 -2.29 3.97
C ILE A 40 -15.99 -2.58 4.47
N VAL A 41 -16.15 -2.73 5.79
CA VAL A 41 -17.46 -2.99 6.41
C VAL A 41 -18.46 -1.84 6.13
N LEU A 42 -18.01 -0.58 6.26
CA LEU A 42 -18.91 0.54 6.00
C LEU A 42 -19.44 0.42 4.56
N VAL A 43 -18.59 0.03 3.62
CA VAL A 43 -19.01 -0.11 2.23
C VAL A 43 -20.01 -1.25 2.03
N LEU A 44 -19.78 -2.36 2.72
CA LEU A 44 -20.69 -3.50 2.65
C LEU A 44 -22.04 -3.07 3.21
N LYS A 45 -22.02 -2.29 4.29
CA LYS A 45 -23.26 -1.82 4.89
C LYS A 45 -23.94 -0.82 3.98
N GLY A 46 -23.16 -0.22 3.10
CA GLY A 46 -23.70 0.78 2.19
C GLY A 46 -23.65 2.15 2.82
N GLU A 47 -22.97 2.28 3.97
CA GLU A 47 -22.83 3.57 4.66
C GLU A 47 -21.70 4.41 3.95
N ALA A 48 -20.91 3.77 3.07
CA ALA A 48 -19.84 4.46 2.29
C ALA A 48 -19.82 3.82 0.89
N ASP A 49 -19.24 4.48 -0.12
CA ASP A 49 -19.23 3.90 -1.47
C ASP A 49 -17.93 3.29 -1.96
N ALA A 50 -16.82 3.99 -1.73
CA ALA A 50 -15.55 3.53 -2.25
C ALA A 50 -14.35 3.94 -1.41
N LEU A 51 -13.21 3.30 -1.70
CA LEU A 51 -11.90 3.60 -1.11
C LEU A 51 -10.88 2.88 -2.00
N ASN A 52 -9.64 3.39 -1.97
CA ASN A 52 -8.52 2.88 -2.74
C ASN A 52 -7.82 1.84 -1.87
N LEU A 53 -7.44 0.70 -2.45
CA LEU A 53 -6.84 -0.39 -1.67
C LEU A 53 -5.65 -1.15 -2.24
N ASP A 54 -4.74 -1.57 -1.36
CA ASP A 54 -3.60 -2.36 -1.77
C ASP A 54 -4.21 -3.73 -2.15
N GLY A 55 -3.51 -4.50 -2.99
CA GLY A 55 -4.01 -5.79 -3.43
C GLY A 55 -4.44 -6.77 -2.34
N GLY A 56 -3.71 -6.77 -1.23
CA GLY A 56 -4.03 -7.66 -0.12
C GLY A 56 -5.43 -7.45 0.43
N TYR A 57 -5.85 -6.18 0.50
CA TYR A 57 -7.17 -5.87 1.01
C TYR A 57 -8.23 -6.10 -0.08
N ILE A 58 -7.84 -6.01 -1.35
CA ILE A 58 -8.77 -6.24 -2.46
C ILE A 58 -9.22 -7.69 -2.35
N TYR A 59 -8.32 -8.54 -1.88
CA TYR A 59 -8.61 -9.96 -1.71
C TYR A 59 -9.68 -10.15 -0.63
N THR A 60 -9.52 -9.48 0.52
CA THR A 60 -10.49 -9.57 1.60
C THR A 60 -11.84 -9.07 1.06
N ALA A 61 -11.81 -7.87 0.49
CA ALA A 61 -13.00 -7.23 -0.05
C ALA A 61 -13.73 -8.01 -1.16
N GLY A 62 -12.98 -8.70 -2.01
CA GLY A 62 -13.57 -9.47 -3.10
C GLY A 62 -14.41 -10.61 -2.54
N LYS A 63 -13.91 -11.27 -1.51
CA LYS A 63 -14.64 -12.38 -0.90
C LYS A 63 -15.96 -11.89 -0.33
N CYS A 64 -16.07 -10.59 -0.08
CA CYS A 64 -17.29 -10.03 0.46
C CYS A 64 -18.14 -9.38 -0.62
N GLY A 65 -17.79 -9.62 -1.87
CA GLY A 65 -18.55 -9.07 -2.98
C GLY A 65 -18.14 -7.73 -3.58
N LEU A 66 -17.17 -7.04 -3.00
CA LEU A 66 -16.74 -5.75 -3.54
C LEU A 66 -15.98 -5.93 -4.87
N VAL A 67 -16.01 -4.93 -5.74
CA VAL A 67 -15.30 -5.06 -7.02
C VAL A 67 -14.30 -3.96 -7.37
N PRO A 68 -13.26 -4.31 -8.14
CA PRO A 68 -12.26 -3.32 -8.55
C PRO A 68 -12.99 -2.48 -9.59
N VAL A 69 -12.80 -1.18 -9.50
CA VAL A 69 -13.46 -0.22 -10.38
C VAL A 69 -12.48 0.54 -11.27
N LEU A 70 -11.38 0.95 -10.68
CA LEU A 70 -10.36 1.71 -11.38
C LEU A 70 -9.06 1.44 -10.65
N ALA A 71 -7.97 1.44 -11.38
CA ALA A 71 -6.66 1.17 -10.79
C ALA A 71 -5.71 2.35 -10.84
N GLU A 72 -4.77 2.40 -9.91
CA GLU A 72 -3.76 3.46 -9.89
C GLU A 72 -2.79 3.14 -11.01
N ASN A 73 -2.38 4.19 -11.73
CA ASN A 73 -1.43 4.05 -12.83
C ASN A 73 -0.33 5.08 -12.62
N ARG A 74 0.92 4.66 -12.56
CA ARG A 74 2.03 5.60 -12.39
C ARG A 74 2.63 5.80 -13.79
N LYS A 75 3.73 6.53 -13.92
CA LYS A 75 4.31 6.74 -15.26
C LYS A 75 5.09 5.57 -15.84
N SER A 76 5.06 5.48 -17.16
CA SER A 76 5.74 4.42 -17.89
C SER A 76 6.51 4.97 -19.09
N SER A 77 7.50 4.22 -19.53
CA SER A 77 8.31 4.57 -20.69
C SER A 77 7.75 3.79 -21.88
N LYS A 78 6.89 2.83 -21.55
CA LYS A 78 6.20 1.95 -22.50
C LYS A 78 4.72 2.37 -22.53
N HIS A 79 4.06 2.18 -23.67
CA HIS A 79 2.64 2.54 -23.83
C HIS A 79 2.39 4.05 -23.68
N SER A 80 3.48 4.81 -23.50
CA SER A 80 3.44 6.26 -23.36
C SER A 80 2.59 6.95 -24.43
N SER A 81 2.51 6.34 -25.61
CA SER A 81 1.70 6.89 -26.69
C SER A 81 0.24 6.89 -26.24
N LEU A 82 -0.19 5.82 -25.59
CA LEU A 82 -1.57 5.67 -25.09
C LEU A 82 -1.84 6.59 -23.90
N ASP A 83 -3.07 7.10 -23.82
CA ASP A 83 -3.44 8.00 -22.72
C ASP A 83 -3.47 7.23 -21.40
N CYS A 84 -3.14 7.92 -20.32
CA CYS A 84 -3.10 7.32 -18.98
C CYS A 84 -4.33 6.51 -18.57
N VAL A 85 -5.52 7.04 -18.84
CA VAL A 85 -6.75 6.37 -18.45
C VAL A 85 -7.00 5.02 -19.14
N LEU A 86 -6.46 4.85 -20.34
CA LEU A 86 -6.64 3.61 -21.11
C LEU A 86 -5.40 2.70 -21.14
N ARG A 87 -4.27 3.22 -20.63
CA ARG A 87 -3.01 2.45 -20.61
C ARG A 87 -3.08 1.30 -19.60
N PRO A 88 -2.62 0.11 -20.00
CA PRO A 88 -2.69 -0.97 -18.99
C PRO A 88 -1.78 -0.63 -17.81
N THR A 89 -2.10 -1.17 -16.65
CA THR A 89 -1.30 -0.93 -15.47
C THR A 89 -0.09 -1.86 -15.53
N GLU A 90 0.98 -1.50 -14.84
CA GLU A 90 2.16 -2.34 -14.90
C GLU A 90 2.46 -3.20 -13.68
N GLY A 91 1.93 -2.81 -12.53
CA GLY A 91 2.19 -3.60 -11.34
C GLY A 91 3.45 -3.02 -10.71
N TYR A 92 3.59 -3.17 -9.41
CA TYR A 92 4.76 -2.61 -8.78
C TYR A 92 5.70 -3.69 -8.27
N LEU A 93 6.96 -3.32 -8.01
CA LEU A 93 7.93 -4.29 -7.55
C LEU A 93 8.12 -4.35 -6.04
N ALA A 94 7.77 -5.50 -5.47
CA ALA A 94 7.92 -5.75 -4.05
C ALA A 94 9.39 -6.07 -3.80
N VAL A 95 10.04 -5.29 -2.94
CA VAL A 95 11.46 -5.52 -2.65
C VAL A 95 11.72 -5.55 -1.15
N ALA A 96 12.87 -6.11 -0.77
CA ALA A 96 13.31 -6.17 0.64
C ALA A 96 14.51 -5.24 0.65
N VAL A 97 14.52 -4.28 1.57
CA VAL A 97 15.59 -3.29 1.62
C VAL A 97 16.37 -3.28 2.93
N VAL A 98 17.69 -3.15 2.81
CA VAL A 98 18.56 -3.11 3.98
C VAL A 98 19.57 -1.99 3.85
N LYS A 99 20.25 -1.68 4.95
CA LYS A 99 21.27 -0.64 4.97
C LYS A 99 22.56 -1.32 4.48
N LYS A 100 23.30 -0.67 3.59
CA LYS A 100 24.56 -1.24 3.07
C LYS A 100 25.54 -1.51 4.23
N ALA A 101 25.65 -0.56 5.16
CA ALA A 101 26.55 -0.69 6.29
C ALA A 101 26.27 -1.94 7.11
N ASN A 102 25.13 -2.58 6.87
CA ASN A 102 24.79 -3.80 7.59
C ASN A 102 25.34 -4.92 6.68
N GLU A 103 26.67 -5.03 6.59
CA GLU A 103 27.39 -6.04 5.76
C GLU A 103 26.96 -7.48 6.11
N GLY A 104 26.94 -8.38 5.13
CA GLY A 104 26.58 -9.77 5.42
C GLY A 104 25.14 -10.21 5.67
N LEU A 105 24.20 -9.27 5.66
CA LEU A 105 22.78 -9.59 5.86
C LEU A 105 22.24 -9.89 4.46
N THR A 106 21.70 -11.10 4.25
CA THR A 106 21.13 -11.54 2.96
C THR A 106 19.79 -12.22 3.24
N TRP A 107 19.05 -12.56 2.18
CA TRP A 107 17.76 -13.22 2.36
C TRP A 107 17.87 -14.46 3.26
N ASN A 108 18.98 -15.18 3.14
CA ASN A 108 19.19 -16.39 3.94
C ASN A 108 19.64 -16.18 5.39
N SER A 109 19.84 -14.93 5.81
CA SER A 109 20.25 -14.71 7.20
C SER A 109 19.25 -13.80 7.91
N LEU A 110 18.01 -13.81 7.44
CA LEU A 110 16.98 -12.98 8.02
C LEU A 110 16.42 -13.48 9.37
N LYS A 111 16.56 -14.77 9.68
CA LYS A 111 16.03 -15.28 10.95
C LYS A 111 16.60 -14.50 12.14
N ASP A 112 15.72 -14.16 13.08
CA ASP A 112 16.04 -13.40 14.30
C ASP A 112 16.49 -11.96 14.06
N LYS A 113 16.22 -11.43 12.87
CA LYS A 113 16.59 -10.05 12.60
C LYS A 113 15.35 -9.17 12.92
N LYS A 114 15.49 -7.86 12.79
CA LYS A 114 14.38 -6.95 13.06
C LYS A 114 13.77 -6.51 11.75
N SER A 115 12.44 -6.58 11.64
CA SER A 115 11.77 -6.22 10.39
C SER A 115 10.76 -5.10 10.45
N CYS A 116 10.56 -4.43 9.31
CA CYS A 116 9.60 -3.35 9.19
C CYS A 116 8.64 -3.70 8.04
N HIS A 117 7.36 -3.72 8.36
CA HIS A 117 6.30 -4.06 7.40
C HIS A 117 5.31 -2.92 7.26
N THR A 118 4.80 -2.73 6.06
CA THR A 118 3.83 -1.67 5.82
C THR A 118 2.62 -1.85 6.74
N ALA A 119 2.11 -3.07 6.80
CA ALA A 119 0.96 -3.41 7.65
C ALA A 119 0.56 -4.84 7.36
N VAL A 120 0.00 -5.51 8.37
CA VAL A 120 -0.46 -6.88 8.23
C VAL A 120 -1.46 -6.95 7.05
N ASP A 121 -1.44 -8.04 6.30
CA ASP A 121 -2.32 -8.26 5.14
C ASP A 121 -2.03 -7.46 3.87
N ARG A 122 -0.97 -6.65 3.85
CA ARG A 122 -0.67 -5.89 2.63
C ARG A 122 0.24 -6.66 1.66
N THR A 123 0.25 -6.27 0.40
CA THR A 123 1.05 -7.02 -0.57
C THR A 123 2.56 -7.13 -0.33
N ALA A 124 3.27 -6.02 -0.47
CA ALA A 124 4.71 -6.04 -0.28
C ALA A 124 5.10 -6.09 1.18
N GLY A 125 4.30 -5.46 2.04
CA GLY A 125 4.68 -5.44 3.44
C GLY A 125 4.49 -6.73 4.19
N TRP A 126 3.64 -7.61 3.69
CA TRP A 126 3.35 -8.83 4.43
C TRP A 126 3.08 -10.11 3.65
N ASN A 127 2.08 -10.07 2.78
CA ASN A 127 1.70 -11.25 2.01
C ASN A 127 2.81 -11.93 1.23
N ILE A 128 3.57 -11.15 0.45
CA ILE A 128 4.65 -11.71 -0.35
C ILE A 128 5.79 -12.18 0.54
N PRO A 129 6.38 -11.27 1.34
CA PRO A 129 7.49 -11.71 2.19
C PRO A 129 7.17 -12.85 3.15
N MET A 130 6.06 -12.74 3.87
CA MET A 130 5.69 -13.80 4.81
C MET A 130 5.27 -15.07 4.08
N GLY A 131 4.72 -14.90 2.88
CA GLY A 131 4.32 -16.06 2.09
C GLY A 131 5.56 -16.86 1.72
N LEU A 132 6.61 -16.17 1.28
CA LEU A 132 7.85 -16.83 0.91
C LEU A 132 8.51 -17.48 2.14
N ILE A 133 8.51 -16.78 3.26
CA ILE A 133 9.11 -17.28 4.49
C ILE A 133 8.42 -18.52 5.04
N VAL A 134 7.09 -18.57 4.98
CA VAL A 134 6.38 -19.77 5.42
C VAL A 134 6.79 -20.89 4.45
N ASN A 135 6.68 -20.64 3.16
CA ASN A 135 7.05 -21.68 2.21
C ASN A 135 8.44 -22.22 2.48
N GLN A 136 9.43 -21.34 2.58
CA GLN A 136 10.80 -21.74 2.88
C GLN A 136 11.02 -22.45 4.23
N THR A 137 10.36 -22.00 5.30
CA THR A 137 10.57 -22.65 6.59
C THR A 137 9.66 -23.85 6.91
N GLY A 138 8.74 -24.20 6.00
CA GLY A 138 7.84 -25.31 6.26
C GLY A 138 7.20 -25.15 7.64
N SER A 139 6.71 -23.93 7.91
CA SER A 139 6.12 -23.62 9.20
C SER A 139 5.19 -22.40 9.16
N CYS A 140 4.16 -22.38 10.01
CA CYS A 140 3.23 -21.27 10.06
C CYS A 140 3.58 -20.32 11.20
N ALA A 141 4.72 -20.56 11.84
CA ALA A 141 5.10 -19.71 12.96
C ALA A 141 5.81 -18.42 12.56
N PHE A 142 5.26 -17.72 11.57
CA PHE A 142 5.84 -16.47 11.12
C PHE A 142 5.87 -15.41 12.26
N ASP A 143 5.23 -15.71 13.39
CA ASP A 143 5.26 -14.78 14.52
C ASP A 143 6.52 -14.98 15.35
N GLU A 144 7.24 -16.06 15.05
CA GLU A 144 8.49 -16.39 15.74
C GLU A 144 9.72 -16.27 14.83
N PHE A 145 9.54 -15.89 13.57
CA PHE A 145 10.68 -15.77 12.64
C PHE A 145 11.61 -14.56 12.89
N PHE A 146 11.07 -13.39 13.17
CA PHE A 146 11.93 -12.24 13.45
C PHE A 146 11.95 -12.04 14.96
N SER A 147 13.03 -11.52 15.50
CA SER A 147 13.08 -11.30 16.94
C SER A 147 12.05 -10.24 17.30
N GLN A 148 12.07 -9.15 16.53
CA GLN A 148 11.15 -8.03 16.72
C GLN A 148 10.76 -7.36 15.41
N SER A 149 9.55 -6.80 15.39
CA SER A 149 9.02 -6.16 14.19
C SER A 149 8.09 -5.00 14.45
N CYS A 150 7.78 -4.27 13.39
CA CYS A 150 6.75 -3.28 13.48
C CYS A 150 5.89 -3.72 12.28
N ALA A 151 4.74 -4.31 12.61
CA ALA A 151 3.81 -4.81 11.61
C ALA A 151 2.41 -4.35 12.00
N PRO A 152 2.06 -3.10 11.65
CA PRO A 152 0.75 -2.53 11.97
C PRO A 152 -0.41 -3.50 11.75
N GLY A 153 -1.30 -3.57 12.73
CA GLY A 153 -2.43 -4.46 12.64
C GLY A 153 -2.29 -5.77 13.40
N ALA A 154 -1.11 -6.06 13.93
CA ALA A 154 -0.93 -7.30 14.71
C ALA A 154 -1.20 -6.97 16.19
N ASP A 155 -1.13 -7.96 17.07
CA ASP A 155 -1.38 -7.74 18.51
C ASP A 155 -0.34 -6.79 19.12
N PRO A 156 -0.79 -5.64 19.65
CA PRO A 156 0.09 -4.64 20.26
C PRO A 156 1.06 -5.17 21.32
N LYS A 157 0.65 -6.21 22.04
CA LYS A 157 1.48 -6.79 23.10
C LYS A 157 2.52 -7.73 22.52
N SER A 158 2.30 -8.18 21.28
CA SER A 158 3.21 -9.13 20.63
C SER A 158 4.47 -8.55 20.00
N ARG A 159 5.43 -9.43 19.74
CA ARG A 159 6.70 -9.02 19.17
C ARG A 159 6.57 -8.44 17.75
N LEU A 160 5.45 -8.70 17.08
CA LEU A 160 5.23 -8.15 15.75
C LEU A 160 4.92 -6.64 15.87
N CYS A 161 4.68 -6.15 17.09
CA CYS A 161 4.42 -4.73 17.31
C CYS A 161 5.50 -4.06 18.20
N ALA A 162 6.44 -4.85 18.69
CA ALA A 162 7.50 -4.36 19.57
C ALA A 162 8.24 -3.14 19.05
N LEU A 163 8.47 -3.12 17.75
CA LEU A 163 9.21 -2.03 17.12
C LEU A 163 8.37 -0.82 16.70
N CYS A 164 7.03 -0.92 16.74
CA CYS A 164 6.15 0.20 16.37
C CYS A 164 6.17 1.31 17.42
N ALA A 165 5.94 2.54 16.98
CA ALA A 165 6.04 3.70 17.86
C ALA A 165 4.81 4.48 18.25
N GLY A 166 3.70 4.28 17.55
CA GLY A 166 2.51 5.04 17.87
C GLY A 166 2.63 6.44 17.29
N ASP A 167 1.80 7.37 17.76
CA ASP A 167 1.81 8.75 17.28
C ASP A 167 2.71 9.69 18.09
N ASP A 168 2.58 11.01 17.89
CA ASP A 168 3.35 12.05 18.59
C ASP A 168 3.46 11.76 20.10
N GLN A 169 2.38 11.19 20.65
CA GLN A 169 2.22 10.89 22.07
C GLN A 169 2.46 9.47 22.54
N GLY A 170 2.74 8.56 21.62
CA GLY A 170 2.90 7.18 22.03
C GLY A 170 1.57 6.43 22.03
N LEU A 171 0.47 7.14 21.73
CA LEU A 171 -0.83 6.49 21.69
C LEU A 171 -0.97 5.82 20.33
N ASP A 172 -1.90 4.87 20.23
CA ASP A 172 -2.17 4.17 18.98
C ASP A 172 -1.07 3.28 18.41
N LYS A 173 -0.25 2.71 19.30
CA LYS A 173 0.84 1.85 18.88
C LYS A 173 0.36 0.67 18.04
N CYS A 174 0.94 0.55 16.85
CA CYS A 174 0.64 -0.51 15.91
C CYS A 174 -0.70 -0.44 15.18
N VAL A 175 -1.42 0.69 15.26
CA VAL A 175 -2.69 0.79 14.53
C VAL A 175 -2.38 0.81 13.05
N PRO A 176 -3.18 0.10 12.25
CA PRO A 176 -2.91 0.09 10.81
C PRO A 176 -3.49 1.31 10.10
N ASN A 177 -3.01 2.48 10.49
CA ASN A 177 -3.37 3.72 9.83
C ASN A 177 -2.20 4.66 10.05
N SER A 178 -2.16 5.76 9.32
CA SER A 178 -1.02 6.66 9.41
C SER A 178 -0.71 7.36 10.74
N LYS A 179 -1.52 7.12 11.78
CA LYS A 179 -1.22 7.74 13.07
C LYS A 179 0.01 7.03 13.63
N GLU A 180 0.19 5.77 13.24
CA GLU A 180 1.34 4.97 13.65
C GLU A 180 2.48 5.46 12.76
N LYS A 181 3.56 5.88 13.41
CA LYS A 181 4.75 6.41 12.77
C LYS A 181 5.30 5.56 11.63
N TYR A 182 5.44 4.26 11.89
CA TYR A 182 5.99 3.33 10.90
C TYR A 182 5.00 2.52 10.05
N TYR A 183 3.86 3.12 9.76
CA TYR A 183 2.80 2.48 8.95
C TYR A 183 2.96 2.80 7.45
N GLY A 184 2.67 1.82 6.60
CA GLY A 184 2.73 2.04 5.16
C GLY A 184 4.09 2.01 4.49
N TYR A 185 4.09 2.19 3.18
CA TYR A 185 5.32 2.20 2.41
C TYR A 185 6.34 3.15 3.06
N THR A 186 5.90 4.36 3.39
CA THR A 186 6.78 5.38 3.98
C THR A 186 7.22 5.13 5.43
N GLY A 187 6.28 4.67 6.26
CA GLY A 187 6.58 4.39 7.65
C GLY A 187 7.54 3.22 7.79
N ALA A 188 7.32 2.19 6.98
CA ALA A 188 8.18 1.01 7.02
C ALA A 188 9.60 1.34 6.59
N PHE A 189 9.75 2.18 5.56
CA PHE A 189 11.09 2.52 5.12
C PHE A 189 11.78 3.43 6.16
N ARG A 190 11.00 4.28 6.83
CA ARG A 190 11.53 5.17 7.85
C ARG A 190 12.03 4.33 9.02
N CYS A 191 11.32 3.24 9.28
CA CYS A 191 11.63 2.31 10.36
C CYS A 191 13.03 1.74 10.13
N LEU A 192 13.34 1.53 8.87
CA LEU A 192 14.64 1.02 8.46
C LEU A 192 15.64 2.17 8.45
N ALA A 193 15.26 3.28 7.83
CA ALA A 193 16.16 4.43 7.73
C ALA A 193 16.68 4.94 9.08
N GLU A 194 15.88 4.80 10.13
CA GLU A 194 16.30 5.24 11.46
C GLU A 194 17.00 4.12 12.24
N ASP A 195 17.13 2.97 11.58
CA ASP A 195 17.78 1.80 12.15
C ASP A 195 17.06 1.08 13.27
N VAL A 196 15.75 1.29 13.33
CA VAL A 196 14.91 0.63 14.31
C VAL A 196 14.92 -0.84 13.89
N GLY A 197 14.77 -1.07 12.58
CA GLY A 197 14.77 -2.43 12.06
C GLY A 197 15.92 -2.68 11.11
N ASP A 198 16.16 -3.96 10.77
CA ASP A 198 17.25 -4.33 9.87
C ASP A 198 16.78 -4.47 8.43
N VAL A 199 15.49 -4.75 8.25
CA VAL A 199 14.94 -4.93 6.92
C VAL A 199 13.54 -4.33 6.83
N ALA A 200 13.18 -3.86 5.64
CA ALA A 200 11.89 -3.24 5.39
C ALA A 200 11.33 -3.78 4.09
N PHE A 201 10.09 -4.23 4.15
CA PHE A 201 9.42 -4.78 2.99
C PHE A 201 8.49 -3.71 2.44
N VAL A 202 8.92 -3.12 1.33
CA VAL A 202 8.19 -2.05 0.68
C VAL A 202 8.20 -2.31 -0.83
N LYS A 203 7.94 -1.29 -1.64
CA LYS A 203 7.99 -1.47 -3.08
C LYS A 203 9.23 -0.73 -3.57
N ASN A 204 9.55 -0.88 -4.85
CA ASN A 204 10.74 -0.21 -5.38
C ASN A 204 10.65 1.30 -5.33
N ASP A 205 9.52 1.84 -5.73
CA ASP A 205 9.31 3.28 -5.75
C ASP A 205 9.63 4.01 -4.45
N THR A 206 9.29 3.40 -3.31
CA THR A 206 9.51 4.00 -2.00
C THR A 206 10.93 4.42 -1.69
N VAL A 207 11.89 3.63 -2.16
CA VAL A 207 13.30 3.92 -1.93
C VAL A 207 13.72 5.15 -2.75
N TRP A 208 13.33 5.17 -4.02
CA TRP A 208 13.66 6.29 -4.90
C TRP A 208 13.00 7.59 -4.46
N GLU A 209 11.77 7.50 -3.98
CA GLU A 209 11.04 8.69 -3.57
C GLU A 209 11.48 9.29 -2.24
N ASN A 210 12.19 8.51 -1.42
CA ASN A 210 12.61 9.01 -0.13
C ASN A 210 14.11 9.17 0.09
N THR A 211 14.84 9.27 -1.02
CA THR A 211 16.30 9.42 -0.97
C THR A 211 16.79 10.48 -1.94
N ASN A 212 18.07 10.85 -1.81
CA ASN A 212 18.73 11.84 -2.65
C ASN A 212 17.99 13.17 -2.82
N GLY A 213 17.35 13.66 -1.76
CA GLY A 213 16.63 14.94 -1.86
C GLY A 213 15.19 14.96 -2.33
N GLU A 214 14.65 13.81 -2.72
CA GLU A 214 13.27 13.74 -3.19
C GLU A 214 12.22 13.97 -2.11
N SER A 215 12.59 13.86 -0.84
CA SER A 215 11.59 14.03 0.22
C SER A 215 11.54 15.30 1.07
N THR A 216 12.68 15.79 1.54
CA THR A 216 12.73 16.98 2.40
C THR A 216 12.13 16.74 3.80
N ALA A 217 11.50 15.61 4.04
CA ALA A 217 10.97 15.32 5.37
C ALA A 217 12.25 15.16 6.20
N ASP A 218 12.28 15.76 7.39
CA ASP A 218 13.45 15.73 8.26
C ASP A 218 14.24 14.40 8.36
N TRP A 219 13.54 13.28 8.49
CA TRP A 219 14.22 11.98 8.60
C TRP A 219 14.78 11.47 7.26
N ALA A 220 14.31 12.01 6.14
CA ALA A 220 14.73 11.57 4.81
C ALA A 220 15.72 12.49 4.07
N LYS A 221 15.79 13.74 4.52
CA LYS A 221 16.70 14.78 3.98
C LYS A 221 18.04 14.27 3.45
N ASN A 222 18.78 13.68 4.38
CA ASN A 222 20.12 13.17 4.14
C ASN A 222 20.27 11.74 3.68
N LEU A 223 19.18 11.09 3.30
CA LEU A 223 19.26 9.71 2.86
C LEU A 223 19.75 9.57 1.42
N LYS A 224 20.81 8.77 1.26
CA LYS A 224 21.45 8.53 -0.03
C LYS A 224 21.13 7.09 -0.47
N ARG A 225 20.74 6.90 -1.74
CA ARG A 225 20.40 5.57 -2.26
C ARG A 225 21.56 4.58 -2.16
N GLU A 226 22.77 5.06 -2.38
CA GLU A 226 23.91 4.17 -2.32
C GLU A 226 24.12 3.59 -0.93
N ASP A 227 23.39 4.07 0.06
CA ASP A 227 23.53 3.51 1.41
C ASP A 227 22.50 2.42 1.63
N PHE A 228 21.82 2.02 0.55
CA PHE A 228 20.81 0.97 0.64
C PHE A 228 21.08 -0.17 -0.34
N ARG A 229 20.60 -1.36 0.02
CA ARG A 229 20.74 -2.56 -0.80
C ARG A 229 19.48 -3.41 -0.73
N LEU A 230 19.15 -4.03 -1.85
CA LEU A 230 17.97 -4.90 -1.96
C LEU A 230 18.43 -6.34 -1.81
N LEU A 231 17.61 -7.16 -1.14
CA LEU A 231 17.95 -8.57 -0.98
C LEU A 231 17.23 -9.32 -2.09
N CYS A 232 17.98 -10.11 -2.86
CA CYS A 232 17.41 -10.90 -3.93
C CYS A 232 17.20 -12.28 -3.36
N LEU A 233 16.30 -13.05 -3.99
CA LEU A 233 16.00 -14.39 -3.52
C LEU A 233 17.16 -15.40 -3.68
N ASP A 234 18.13 -15.10 -4.55
CA ASP A 234 19.25 -16.03 -4.72
C ASP A 234 20.36 -15.89 -3.66
N GLY A 235 20.07 -15.17 -2.58
CA GLY A 235 21.05 -15.00 -1.51
C GLY A 235 22.00 -13.83 -1.71
N THR A 236 21.87 -13.19 -2.86
CA THR A 236 22.69 -12.06 -3.28
C THR A 236 22.16 -10.69 -2.76
N ARG A 237 22.95 -9.62 -2.96
CA ARG A 237 22.61 -8.24 -2.55
C ARG A 237 22.89 -7.32 -3.74
N LYS A 238 21.97 -6.43 -4.06
CA LYS A 238 22.19 -5.55 -5.20
C LYS A 238 21.85 -4.08 -4.95
N PRO A 239 22.42 -3.19 -5.78
CA PRO A 239 22.11 -1.77 -5.59
C PRO A 239 20.62 -1.62 -5.90
N VAL A 240 20.03 -0.52 -5.47
CA VAL A 240 18.60 -0.32 -5.69
C VAL A 240 18.25 0.01 -7.13
N THR A 241 19.28 0.19 -7.95
CA THR A 241 19.10 0.46 -9.38
C THR A 241 18.75 -0.86 -10.09
N GLU A 242 18.95 -1.99 -9.42
CA GLU A 242 18.68 -3.30 -10.03
C GLU A 242 17.44 -4.05 -9.59
N ALA A 243 16.37 -3.33 -9.26
CA ALA A 243 15.15 -3.98 -8.80
C ALA A 243 14.46 -4.92 -9.80
N GLN A 244 14.68 -4.68 -11.09
CA GLN A 244 14.07 -5.50 -12.14
C GLN A 244 14.60 -6.93 -12.08
N SER A 245 15.79 -7.12 -11.50
CA SER A 245 16.39 -8.45 -11.37
C SER A 245 16.55 -8.87 -9.92
N CYS A 246 16.11 -8.04 -9.00
CA CYS A 246 16.23 -8.34 -7.57
C CYS A 246 14.98 -7.91 -6.77
N HIS A 247 13.85 -8.54 -7.06
CA HIS A 247 12.58 -8.26 -6.38
C HIS A 247 11.93 -9.56 -5.85
N LEU A 248 11.05 -9.46 -4.85
CA LEU A 248 10.38 -10.66 -4.33
C LEU A 248 9.19 -11.02 -5.21
N ALA A 249 8.59 -10.03 -5.86
CA ALA A 249 7.45 -10.27 -6.73
C ALA A 249 6.97 -9.01 -7.41
N VAL A 250 6.19 -9.17 -8.48
CA VAL A 250 5.61 -8.00 -9.13
C VAL A 250 4.17 -8.08 -8.58
N ALA A 251 3.68 -6.92 -8.13
CA ALA A 251 2.38 -6.81 -7.48
C ALA A 251 1.32 -5.97 -8.21
N PRO A 252 0.04 -6.37 -8.15
CA PRO A 252 -0.98 -5.57 -8.83
C PRO A 252 -1.13 -4.21 -8.16
N ASN A 253 -1.40 -3.19 -8.98
CA ASN A 253 -1.56 -1.86 -8.45
C ASN A 253 -2.71 -1.73 -7.47
N HIS A 254 -2.62 -0.72 -6.63
CA HIS A 254 -3.68 -0.43 -5.70
C HIS A 254 -4.83 0.03 -6.61
N ALA A 255 -6.05 -0.30 -6.21
CA ALA A 255 -7.24 0.04 -6.98
C ALA A 255 -8.41 0.45 -6.09
N VAL A 256 -9.34 1.18 -6.69
CA VAL A 256 -10.53 1.66 -6.00
C VAL A 256 -11.56 0.53 -6.05
N VAL A 257 -12.19 0.24 -4.92
CA VAL A 257 -13.23 -0.80 -4.90
C VAL A 257 -14.55 -0.22 -4.42
N SER A 258 -15.64 -0.86 -4.82
CA SER A 258 -16.96 -0.44 -4.40
C SER A 258 -17.83 -1.69 -4.45
N ARG A 259 -19.05 -1.57 -3.96
CA ARG A 259 -19.98 -2.68 -4.00
C ARG A 259 -20.35 -2.77 -5.49
N SER A 260 -20.59 -3.97 -5.99
CA SER A 260 -20.93 -4.13 -7.39
C SER A 260 -22.07 -3.24 -7.87
N ASP A 261 -23.09 -3.06 -7.05
CA ASP A 261 -24.21 -2.24 -7.45
C ASP A 261 -23.98 -0.72 -7.48
N ARG A 262 -22.83 -0.26 -7.01
CA ARG A 262 -22.54 1.18 -7.02
C ARG A 262 -21.38 1.53 -7.96
N ALA A 263 -20.71 0.50 -8.46
CA ALA A 263 -19.55 0.61 -9.36
C ALA A 263 -19.62 1.57 -10.55
N ALA A 264 -20.67 1.47 -11.35
CA ALA A 264 -20.81 2.34 -12.52
C ALA A 264 -20.85 3.80 -12.09
N HIS A 265 -21.57 4.06 -11.01
CA HIS A 265 -21.72 5.41 -10.50
C HIS A 265 -20.41 5.97 -9.95
N VAL A 266 -19.75 5.20 -9.09
CA VAL A 266 -18.47 5.61 -8.50
C VAL A 266 -17.47 5.89 -9.62
N GLU A 267 -17.42 4.99 -10.60
CA GLU A 267 -16.52 5.13 -11.74
C GLU A 267 -16.71 6.46 -12.46
N GLN A 268 -17.96 6.75 -12.84
CA GLN A 268 -18.29 8.00 -13.52
C GLN A 268 -17.81 9.24 -12.74
N VAL A 269 -18.10 9.26 -11.45
CA VAL A 269 -17.71 10.39 -10.62
C VAL A 269 -16.21 10.57 -10.53
N LEU A 270 -15.49 9.46 -10.35
CA LEU A 270 -14.04 9.47 -10.23
C LEU A 270 -13.32 10.04 -11.46
N LEU A 271 -13.75 9.64 -12.65
CA LEU A 271 -13.15 10.12 -13.89
C LEU A 271 -13.36 11.65 -13.96
N HIS A 272 -14.57 12.11 -13.61
CA HIS A 272 -14.84 13.56 -13.65
C HIS A 272 -14.02 14.23 -12.56
N GLN A 273 -13.91 13.60 -11.39
CA GLN A 273 -13.14 14.17 -10.30
C GLN A 273 -11.65 14.29 -10.61
N GLN A 274 -11.12 13.38 -11.42
CA GLN A 274 -9.71 13.46 -11.72
C GLN A 274 -9.46 14.45 -12.85
N ALA A 275 -10.44 14.61 -13.74
CA ALA A 275 -10.31 15.60 -14.79
C ALA A 275 -10.05 16.92 -14.04
N LEU A 276 -10.71 17.08 -12.88
CA LEU A 276 -10.56 18.30 -12.06
C LEU A 276 -9.33 18.38 -11.13
N PHE A 277 -9.03 17.30 -10.40
CA PHE A 277 -7.90 17.37 -9.46
C PHE A 277 -6.75 16.39 -9.70
N GLY A 278 -6.80 15.70 -10.83
CA GLY A 278 -5.75 14.75 -11.17
C GLY A 278 -4.47 15.44 -11.63
N LYS A 279 -3.55 14.67 -12.21
CA LYS A 279 -2.25 15.20 -12.65
C LYS A 279 -2.30 16.49 -13.47
N ASN A 280 -3.12 16.59 -14.49
CA ASN A 280 -3.14 17.85 -15.22
C ASN A 280 -4.51 18.51 -15.10
N GLY A 281 -5.23 18.09 -14.06
CA GLY A 281 -6.56 18.62 -13.79
C GLY A 281 -6.67 20.12 -13.83
N LYS A 282 -7.87 20.61 -14.11
CA LYS A 282 -8.16 22.03 -14.21
C LYS A 282 -7.89 22.79 -12.94
N ASN A 283 -8.08 22.14 -11.79
CA ASN A 283 -7.90 22.80 -10.51
C ASN A 283 -6.79 22.22 -9.65
N CYS A 284 -6.13 21.19 -10.14
CA CYS A 284 -5.11 20.56 -9.30
C CYS A 284 -4.07 21.39 -8.63
N PRO A 285 -3.03 21.80 -9.35
CA PRO A 285 -2.04 22.59 -8.60
C PRO A 285 -2.55 23.85 -7.92
N ASP A 286 -3.38 24.59 -8.64
CA ASP A 286 -3.94 25.85 -8.18
C ASP A 286 -4.79 25.77 -6.93
N LYS A 287 -5.69 24.81 -6.90
CA LYS A 287 -6.58 24.65 -5.76
C LYS A 287 -6.40 23.39 -4.94
N PHE A 288 -6.57 22.23 -5.57
CA PHE A 288 -6.45 20.97 -4.86
C PHE A 288 -5.98 19.86 -5.79
N CYS A 289 -5.09 19.02 -5.27
CA CYS A 289 -4.59 17.90 -6.04
C CYS A 289 -4.80 16.58 -5.31
N LEU A 290 -5.68 15.77 -5.89
CA LEU A 290 -6.01 14.45 -5.36
C LEU A 290 -4.77 13.60 -5.09
N PHE A 291 -3.80 13.64 -5.99
CA PHE A 291 -2.66 12.77 -5.81
C PHE A 291 -1.42 13.28 -5.07
N LYS A 292 -1.58 14.31 -4.26
CA LYS A 292 -0.47 14.77 -3.44
C LYS A 292 -0.90 14.82 -1.97
N SER A 293 0.07 14.64 -1.08
CA SER A 293 -0.14 14.66 0.37
C SER A 293 1.25 14.75 1.03
N GLU A 294 2.18 15.44 0.37
CA GLU A 294 3.56 15.62 0.80
C GLU A 294 4.22 14.33 1.37
N THR A 295 4.42 13.36 0.47
CA THR A 295 5.05 12.04 0.71
C THR A 295 4.34 11.00 1.60
N LYS A 296 3.17 11.38 2.13
CA LYS A 296 2.41 10.53 3.04
C LYS A 296 1.42 9.50 2.45
N ASN A 297 1.24 9.51 1.13
CA ASN A 297 0.33 8.60 0.41
C ASN A 297 -1.08 8.47 1.03
N LEU A 298 -1.77 9.60 1.21
CA LEU A 298 -3.11 9.62 1.78
C LEU A 298 -4.19 9.44 0.71
N LEU A 299 -5.09 8.48 0.92
CA LEU A 299 -6.16 8.14 -0.02
C LEU A 299 -5.56 7.50 -1.27
N PHE A 300 -4.56 8.13 -1.89
CA PHE A 300 -3.91 7.55 -3.07
C PHE A 300 -2.41 7.69 -2.86
N ASN A 301 -1.63 6.89 -3.60
CA ASN A 301 -0.18 6.99 -3.53
C ASN A 301 0.18 8.29 -4.21
N ASP A 302 1.17 9.00 -3.66
CA ASP A 302 1.55 10.28 -4.24
C ASP A 302 2.11 10.18 -5.66
N ASN A 303 2.59 9.01 -6.08
CA ASN A 303 3.13 8.90 -7.44
C ASN A 303 2.08 8.53 -8.49
N THR A 304 0.80 8.59 -8.14
CA THR A 304 -0.22 8.24 -9.11
C THR A 304 -0.39 9.26 -10.23
N GLU A 305 -0.23 8.81 -11.48
CA GLU A 305 -0.42 9.73 -12.58
C GLU A 305 -1.92 9.90 -12.82
N CYS A 306 -2.67 8.81 -12.74
CA CYS A 306 -4.13 8.86 -12.93
C CYS A 306 -4.76 7.54 -12.52
N LEU A 307 -6.08 7.50 -12.45
CA LEU A 307 -6.79 6.27 -12.15
C LEU A 307 -7.14 5.78 -13.56
N ALA A 308 -6.98 4.48 -13.80
CA ALA A 308 -7.21 3.89 -15.12
C ALA A 308 -8.35 2.87 -15.23
N LYS A 309 -9.07 2.91 -16.35
CA LYS A 309 -10.17 1.98 -16.61
C LYS A 309 -9.52 0.63 -16.64
N LEU A 310 -10.29 -0.43 -16.39
CA LEU A 310 -9.67 -1.74 -16.38
C LEU A 310 -9.70 -2.53 -17.69
N GLY A 311 -10.87 -2.81 -18.26
CA GLY A 311 -10.85 -3.54 -19.52
C GLY A 311 -10.72 -5.03 -19.25
N GLY A 312 -11.73 -5.74 -19.70
CA GLY A 312 -11.81 -7.17 -19.50
C GLY A 312 -12.75 -7.31 -18.31
N ARG A 313 -13.31 -6.17 -17.89
CA ARG A 313 -14.21 -6.08 -16.74
C ARG A 313 -13.85 -7.20 -15.79
N PRO A 314 -12.62 -7.15 -15.27
CA PRO A 314 -12.17 -8.20 -14.36
C PRO A 314 -12.82 -8.33 -13.01
N THR A 315 -13.00 -9.57 -12.60
CA THR A 315 -13.52 -9.84 -11.28
C THR A 315 -12.27 -9.59 -10.45
N TYR A 316 -12.39 -9.65 -9.12
CA TYR A 316 -11.24 -9.39 -8.26
C TYR A 316 -10.14 -10.45 -8.40
N GLU A 317 -10.50 -11.67 -8.82
CA GLU A 317 -9.49 -12.72 -9.00
C GLU A 317 -8.73 -12.45 -10.30
N GLU A 318 -9.47 -12.10 -11.36
CA GLU A 318 -8.85 -11.78 -12.65
C GLU A 318 -7.93 -10.58 -12.38
N TYR A 319 -8.39 -9.59 -11.62
CA TYR A 319 -7.54 -8.42 -11.33
C TYR A 319 -6.26 -8.74 -10.56
N LEU A 320 -6.36 -9.56 -9.52
CA LEU A 320 -5.19 -9.90 -8.73
C LEU A 320 -4.29 -10.92 -9.44
N GLY A 321 -4.89 -11.79 -10.27
CA GLY A 321 -4.12 -12.81 -10.99
C GLY A 321 -4.10 -14.12 -10.22
N THR A 322 -4.00 -15.27 -10.88
CA THR A 322 -4.01 -16.55 -10.17
C THR A 322 -2.78 -16.76 -9.30
N GLU A 323 -1.64 -16.24 -9.75
CA GLU A 323 -0.39 -16.31 -9.00
C GLU A 323 -0.62 -15.77 -7.59
N TYR A 324 -0.84 -14.46 -7.50
CA TYR A 324 -1.02 -13.80 -6.21
C TYR A 324 -2.16 -14.36 -5.36
N VAL A 325 -3.26 -14.79 -5.98
CA VAL A 325 -4.38 -15.34 -5.20
C VAL A 325 -4.00 -16.68 -4.56
N THR A 326 -3.16 -17.47 -5.22
CA THR A 326 -2.78 -18.73 -4.60
C THR A 326 -1.81 -18.48 -3.44
N ALA A 327 -0.91 -17.51 -3.60
CA ALA A 327 0.05 -17.20 -2.54
C ALA A 327 -0.72 -16.77 -1.29
N ILE A 328 -1.69 -15.85 -1.44
CA ILE A 328 -2.49 -15.38 -0.30
C ILE A 328 -3.30 -16.51 0.33
N ALA A 329 -3.93 -17.32 -0.52
CA ALA A 329 -4.75 -18.44 -0.07
C ALA A 329 -3.90 -19.36 0.80
N ASN A 330 -2.74 -19.75 0.28
CA ASN A 330 -1.84 -20.62 1.02
C ASN A 330 -1.37 -19.96 2.33
N LEU A 331 -1.03 -18.68 2.29
CA LEU A 331 -0.59 -18.00 3.52
C LEU A 331 -1.74 -17.94 4.53
N LYS A 332 -2.96 -17.66 4.05
CA LYS A 332 -4.13 -17.56 4.93
C LYS A 332 -4.46 -18.88 5.63
N LYS A 333 -4.04 -20.01 5.05
CA LYS A 333 -4.34 -21.28 5.70
C LYS A 333 -3.50 -21.48 6.97
N CYS A 334 -2.63 -20.52 7.25
CA CYS A 334 -1.78 -20.56 8.44
C CYS A 334 -2.44 -19.86 9.63
N SER A 335 -3.45 -19.03 9.35
CA SER A 335 -4.14 -18.30 10.41
C SER A 335 -5.50 -18.89 10.79
N LEU A 340 -13.35 -23.41 4.10
CA LEU A 340 -12.79 -22.18 4.63
C LEU A 340 -12.96 -21.03 3.63
N GLU A 341 -14.07 -21.05 2.89
CA GLU A 341 -14.37 -20.01 1.89
C GLU A 341 -15.61 -19.18 2.28
N ALA A 342 -15.36 -17.92 2.69
CA ALA A 342 -16.44 -17.01 3.11
C ALA A 342 -15.95 -15.57 3.29
N CYS A 343 -16.88 -14.65 3.52
CA CYS A 343 -16.53 -13.25 3.76
C CYS A 343 -16.11 -13.15 5.24
N ALA A 344 -14.85 -12.74 5.43
CA ALA A 344 -14.20 -12.58 6.74
C ALA A 344 -14.96 -11.84 7.83
N PHE A 345 -16.09 -11.23 7.49
CA PHE A 345 -16.89 -10.50 8.48
C PHE A 345 -18.28 -11.14 8.58
#